data_4ZPJ
#
_entry.id   4ZPJ
#
_cell.length_a   46.818
_cell.length_b   88.531
_cell.length_c   99.397
_cell.angle_alpha   90.000
_cell.angle_beta   90.000
_cell.angle_gamma   90.000
#
_symmetry.space_group_name_H-M   'P 21 21 21'
#
loop_
_entity.id
_entity.type
_entity.pdbx_description
1 polymer 'Extracellular ligand-binding receptor'
2 non-polymer 'ZINC ION'
3 non-polymer 'CHLORIDE ION'
4 water water
#
_entity_poly.entity_id   1
_entity_poly.type   'polypeptide(L)'
_entity_poly.pdbx_seq_one_letter_code
;SNAEDSTPTPADSGSPSPPPAASGGTSDGSAASPITSPTTAGAATPASSASGEPIRIGVLLTLSGPQGVNGEGNLRGLTL
ALDQAG(MSE)QFGGRPVELIIEDSAGQPEQAITKTRQLIERDRVHLIAGITLSNEAAAVRDILVQAE(MSE)PTIVTNA
GLQALTRDPA(MSE)RSPYLFRVSFANGQYDAPAADYAYETLGYRR(MSE)VLHAADYAAGHEE(MSE)AAFRSRFEQAG
GEIVDEVVAPIGTQDFGPYLQRIEQAAAEADAVFAFHGTSTDAIRFLVQYQEFGLKDSIPLIPSGADVDQSILPEIGDAA
LGLVSGTLYTAYNDTPESQEFVEAFTARHEGILPGLVDYAGYIGGRVIAEALTAIDGEVENKEALLEALKAVEFTGPAGN
FRFHPESQGPVTTILLCRVEQLDDGTYANIVVDRIPDFDDLSF
;
_entity_poly.pdbx_strand_id   A
#
loop_
_chem_comp.id
_chem_comp.type
_chem_comp.name
_chem_comp.formula
CL non-polymer 'CHLORIDE ION' 'Cl -1'
ZN non-polymer 'ZINC ION' 'Zn 2'
#
# COMPACT_ATOMS: atom_id res chain seq x y z
N GLU A 53 -2.58 7.83 32.80
CA GLU A 53 -2.97 9.04 32.01
C GLU A 53 -2.52 8.92 30.54
N PRO A 54 -1.20 8.78 30.28
CA PRO A 54 -0.87 8.81 28.85
C PRO A 54 -1.34 7.57 28.08
N ILE A 55 -1.67 7.80 26.81
CA ILE A 55 -2.08 6.76 25.93
C ILE A 55 -0.82 6.34 25.20
N ARG A 56 -0.35 5.14 25.44
CA ARG A 56 0.89 4.68 24.84
C ARG A 56 0.70 3.83 23.60
N ILE A 57 1.26 4.29 22.50
CA ILE A 57 1.13 3.68 21.25
C ILE A 57 2.48 3.30 20.64
N GLY A 58 2.66 2.02 20.37
CA GLY A 58 3.92 1.55 19.81
C GLY A 58 3.89 1.70 18.32
N VAL A 59 5.02 2.03 17.73
CA VAL A 59 5.13 2.06 16.29
C VAL A 59 6.35 1.25 15.93
N LEU A 60 6.12 0.20 15.16
CA LEU A 60 7.23 -0.68 14.73
C LEU A 60 7.35 -0.47 13.23
N LEU A 61 8.49 0.04 12.78
CA LEU A 61 8.64 0.32 11.35
C LEU A 61 10.04 -0.05 10.92
N THR A 62 10.22 -0.23 9.61
CA THR A 62 11.56 -0.36 9.04
C THR A 62 11.98 1.01 8.66
N LEU A 63 12.97 1.55 9.41
CA LEU A 63 13.32 2.95 9.23
C LEU A 63 14.76 3.21 8.85
N SER A 64 15.55 2.15 8.71
CA SER A 64 16.90 2.18 8.14
C SER A 64 17.07 0.98 7.19
N GLY A 65 18.24 0.85 6.56
CA GLY A 65 18.41 -0.08 5.42
C GLY A 65 17.64 0.42 4.18
N PRO A 66 17.76 -0.29 3.06
CA PRO A 66 17.09 0.15 1.83
C PRO A 66 15.53 0.23 1.94
N GLN A 67 14.92 -0.47 2.87
CA GLN A 67 13.46 -0.30 2.98
C GLN A 67 13.03 0.88 3.84
N GLY A 68 13.97 1.60 4.44
CA GLY A 68 13.67 2.68 5.35
C GLY A 68 12.84 3.77 4.79
N VAL A 69 13.00 4.03 3.52
CA VAL A 69 12.16 5.03 2.84
CA VAL A 69 12.16 5.01 2.83
C VAL A 69 10.64 4.75 2.99
N ASN A 70 10.25 3.48 3.07
CA ASN A 70 8.85 3.07 3.22
C ASN A 70 8.36 3.31 4.66
N GLY A 71 9.15 2.88 5.64
CA GLY A 71 8.78 3.19 7.01
C GLY A 71 8.69 4.69 7.31
N GLU A 72 9.68 5.43 6.83
CA GLU A 72 9.70 6.90 6.94
C GLU A 72 8.37 7.51 6.41
N GLY A 73 7.90 7.01 5.28
CA GLY A 73 6.65 7.51 4.67
C GLY A 73 5.46 7.21 5.56
N ASN A 74 5.45 6.00 6.11
CA ASN A 74 4.41 5.60 7.00
C ASN A 74 4.41 6.54 8.24
N LEU A 75 5.61 6.82 8.78
CA LEU A 75 5.72 7.63 9.97
C LEU A 75 5.30 9.05 9.72
N ARG A 76 5.66 9.62 8.59
CA ARG A 76 5.13 10.95 8.24
C ARG A 76 3.62 11.02 8.16
N GLY A 77 2.98 10.05 7.51
CA GLY A 77 1.50 10.08 7.41
C GLY A 77 0.84 9.97 8.78
N LEU A 78 1.34 9.04 9.56
CA LEU A 78 0.82 8.72 10.87
C LEU A 78 0.89 9.91 11.82
N THR A 79 2.03 10.62 11.89
CA THR A 79 2.15 11.73 12.81
C THR A 79 1.36 12.93 12.36
N LEU A 80 1.33 13.18 11.06
CA LEU A 80 0.45 14.20 10.54
C LEU A 80 -1.00 14.00 10.98
N ALA A 81 -1.52 12.76 10.95
CA ALA A 81 -2.93 12.50 11.37
C ALA A 81 -3.10 12.65 12.82
N LEU A 82 -2.14 12.18 13.61
CA LEU A 82 -2.31 12.31 15.04
C LEU A 82 -2.20 13.77 15.48
N ASP A 83 -1.35 14.55 14.85
CA ASP A 83 -1.29 15.98 15.13
C ASP A 83 -2.56 16.75 14.75
N GLN A 84 -3.21 16.40 13.63
CA GLN A 84 -4.47 17.11 13.29
C GLN A 84 -5.53 16.88 14.32
N ALA A 85 -5.50 15.70 14.92
CA ALA A 85 -6.37 15.33 16.02
C ALA A 85 -5.91 15.90 17.38
N GLY A 86 -4.79 16.60 17.43
CA GLY A 86 -4.35 17.22 18.71
C GLY A 86 -3.51 16.37 19.67
N MSE A 87 -3.20 15.14 19.29
CA MSE A 87 -2.32 14.27 20.13
C MSE A 87 -2.86 14.06 21.53
O MSE A 87 -2.12 13.86 22.48
CB MSE A 87 -0.86 14.80 20.17
CG MSE A 87 -0.07 14.51 18.89
SE MSE A 87 0.39 12.58 18.82
CE MSE A 87 2.23 12.81 18.13
N GLN A 88 -4.16 14.07 21.68
CA GLN A 88 -4.76 13.76 22.97
C GLN A 88 -6.18 13.29 22.78
N PHE A 89 -6.63 12.42 23.68
CA PHE A 89 -7.97 11.89 23.61
C PHE A 89 -8.56 11.75 24.96
N GLY A 90 -9.75 12.33 25.11
CA GLY A 90 -10.45 12.36 26.37
C GLY A 90 -9.61 12.90 27.53
N GLY A 91 -8.86 13.97 27.27
CA GLY A 91 -7.96 14.56 28.29
C GLY A 91 -6.64 13.81 28.49
N ARG A 92 -6.36 12.83 27.63
CA ARG A 92 -5.20 11.99 27.83
C ARG A 92 -4.23 12.19 26.68
N PRO A 93 -2.97 12.50 26.99
CA PRO A 93 -1.99 12.78 25.97
C PRO A 93 -1.53 11.46 25.34
N VAL A 94 -1.31 11.47 24.04
CA VAL A 94 -0.73 10.31 23.36
C VAL A 94 0.79 10.38 23.46
N GLU A 95 1.44 9.24 23.63
CA GLU A 95 2.85 9.18 23.35
C GLU A 95 3.21 8.03 22.43
N LEU A 96 3.83 8.39 21.32
CA LEU A 96 4.36 7.44 20.39
C LEU A 96 5.71 6.91 20.80
N ILE A 97 5.84 5.60 20.89
CA ILE A 97 7.10 4.94 21.14
C ILE A 97 7.47 4.24 19.82
N ILE A 98 8.53 4.72 19.19
CA ILE A 98 8.90 4.30 17.86
C ILE A 98 10.10 3.37 17.94
N GLU A 99 9.97 2.17 17.36
CA GLU A 99 11.07 1.24 17.21
C GLU A 99 11.35 0.87 15.76
N ASP A 100 12.62 0.95 15.41
CA ASP A 100 13.12 0.54 14.08
C ASP A 100 13.40 -0.97 14.05
N SER A 101 12.77 -1.68 13.12
CA SER A 101 12.96 -3.12 12.93
C SER A 101 14.12 -3.42 11.98
N ALA A 102 14.61 -2.37 11.29
CA ALA A 102 15.73 -2.46 10.35
C ALA A 102 15.47 -3.48 9.27
N GLY A 103 14.19 -3.67 8.93
CA GLY A 103 13.83 -4.68 7.95
C GLY A 103 14.20 -6.11 8.27
N GLN A 104 14.34 -6.46 9.55
CA GLN A 104 14.81 -7.81 9.92
C GLN A 104 13.85 -8.53 10.86
N PRO A 105 13.33 -9.69 10.44
CA PRO A 105 12.42 -10.48 11.29
C PRO A 105 12.84 -10.64 12.74
N GLU A 106 14.09 -11.03 13.00
CA GLU A 106 14.49 -11.23 14.40
CA GLU A 106 14.64 -11.20 14.35
C GLU A 106 14.49 -9.92 15.16
N GLN A 107 14.93 -8.81 14.56
CA GLN A 107 14.85 -7.53 15.22
C GLN A 107 13.39 -7.08 15.36
N ALA A 108 12.49 -7.49 14.45
CA ALA A 108 11.06 -7.14 14.55
C ALA A 108 10.49 -7.77 15.79
N ILE A 109 10.91 -9.00 16.05
CA ILE A 109 10.51 -9.78 17.22
C ILE A 109 10.97 -9.15 18.55
N THR A 110 12.24 -8.84 18.61
CA THR A 110 12.83 -8.19 19.74
C THR A 110 12.14 -6.85 19.96
N LYS A 111 12.07 -6.03 18.94
CA LYS A 111 11.40 -4.74 19.10
C LYS A 111 9.95 -4.88 19.57
N THR A 112 9.24 -5.85 19.01
CA THR A 112 7.83 -6.00 19.30
C THR A 112 7.71 -6.48 20.73
N ARG A 113 8.57 -7.43 21.13
CA ARG A 113 8.51 -7.89 22.51
C ARG A 113 8.75 -6.77 23.50
N GLN A 114 9.71 -5.91 23.20
CA GLN A 114 9.99 -4.73 24.03
C GLN A 114 8.79 -3.75 24.17
N LEU A 115 8.12 -3.42 23.07
CA LEU A 115 7.03 -2.46 23.12
C LEU A 115 5.89 -3.00 23.96
N ILE A 116 5.60 -4.29 23.80
CA ILE A 116 4.61 -4.96 24.62
C ILE A 116 5.07 -5.05 26.09
N GLU A 117 6.20 -5.72 26.35
CA GLU A 117 6.66 -6.07 27.72
C GLU A 117 7.26 -4.88 28.51
N ARG A 118 8.22 -4.19 27.91
CA ARG A 118 8.88 -3.02 28.54
C ARG A 118 7.99 -1.78 28.52
N ASP A 119 7.59 -1.37 27.33
CA ASP A 119 6.95 -0.08 27.18
C ASP A 119 5.46 -0.11 27.53
N ARG A 120 4.88 -1.30 27.58
CA ARG A 120 3.49 -1.50 27.96
C ARG A 120 2.56 -0.65 27.09
N VAL A 121 2.70 -0.77 25.79
CA VAL A 121 1.87 0.01 24.91
C VAL A 121 0.48 -0.61 24.80
N HIS A 122 -0.49 0.21 24.47
CA HIS A 122 -1.88 -0.23 24.41
C HIS A 122 -2.31 -0.61 22.99
N LEU A 123 -1.46 -0.28 22.01
CA LEU A 123 -1.74 -0.44 20.61
C LEU A 123 -0.42 -0.39 19.82
N ILE A 124 -0.32 -1.16 18.74
CA ILE A 124 0.84 -1.10 17.86
C ILE A 124 0.42 -0.78 16.44
N ALA A 125 1.14 0.14 15.80
CA ALA A 125 0.91 0.51 14.40
C ALA A 125 2.17 0.26 13.63
N GLY A 126 2.03 -0.05 12.35
CA GLY A 126 3.19 -0.13 11.48
C GLY A 126 3.31 -1.47 10.78
N ILE A 127 4.54 -2.03 10.87
CA ILE A 127 4.97 -3.25 10.25
C ILE A 127 5.20 -3.12 8.75
N THR A 128 6.47 -2.94 8.41
CA THR A 128 6.82 -2.59 7.08
C THR A 128 6.89 -3.82 6.17
N LEU A 129 7.60 -4.87 6.56
CA LEU A 129 7.84 -6.01 5.63
C LEU A 129 6.97 -7.23 5.96
N SER A 130 6.55 -7.93 4.91
CA SER A 130 5.74 -9.12 5.06
C SER A 130 6.45 -10.17 5.86
N ASN A 131 7.75 -10.36 5.62
CA ASN A 131 8.50 -11.30 6.48
C ASN A 131 8.51 -10.85 7.96
N GLU A 132 8.52 -9.55 8.23
CA GLU A 132 8.48 -9.07 9.62
C GLU A 132 7.09 -9.38 10.23
N ALA A 133 6.03 -9.15 9.45
CA ALA A 133 4.64 -9.46 9.89
C ALA A 133 4.44 -10.93 10.28
N ALA A 134 4.88 -11.82 9.39
CA ALA A 134 4.78 -13.25 9.64
C ALA A 134 5.57 -13.64 10.91
N ALA A 135 6.74 -13.05 11.09
CA ALA A 135 7.53 -13.39 12.28
C ALA A 135 6.93 -12.83 13.58
N VAL A 136 6.13 -11.75 13.57
CA VAL A 136 5.59 -11.23 14.88
C VAL A 136 4.08 -11.52 15.15
N ARG A 137 3.41 -12.08 14.16
CA ARG A 137 1.95 -12.28 14.22
C ARG A 137 1.51 -13.01 15.48
N ASP A 138 2.10 -14.19 15.68
CA ASP A 138 1.82 -15.00 16.87
C ASP A 138 2.09 -14.23 18.17
N ILE A 139 3.15 -13.43 18.22
CA ILE A 139 3.44 -12.62 19.42
C ILE A 139 2.32 -11.60 19.67
N LEU A 140 1.94 -10.89 18.63
CA LEU A 140 0.90 -9.90 18.80
C LEU A 140 -0.40 -10.56 19.26
N VAL A 141 -0.74 -11.70 18.67
CA VAL A 141 -2.02 -12.36 19.00
C VAL A 141 -2.00 -12.95 20.38
N GLN A 142 -0.91 -13.63 20.72
CA GLN A 142 -0.77 -14.19 22.05
C GLN A 142 -0.86 -13.09 23.08
N ALA A 143 -0.25 -11.95 22.79
CA ALA A 143 -0.33 -10.82 23.72
C ALA A 143 -1.68 -10.04 23.69
N GLU A 144 -2.60 -10.42 22.81
CA GLU A 144 -3.91 -9.74 22.69
C GLU A 144 -3.70 -8.23 22.51
N MSE A 145 -2.82 -7.90 21.56
CA MSE A 145 -2.41 -6.55 21.26
C MSE A 145 -3.05 -6.03 19.99
O MSE A 145 -2.74 -6.53 18.88
CB MSE A 145 -0.91 -6.59 21.03
CG MSE A 145 -0.31 -5.26 20.61
SE MSE A 145 -0.52 -3.82 21.95
CE MSE A 145 0.04 -4.86 23.54
N PRO A 146 -3.88 -5.00 20.11
CA PRO A 146 -4.46 -4.40 18.93
C PRO A 146 -3.38 -3.82 18.05
N THR A 147 -3.46 -4.13 16.78
CA THR A 147 -2.34 -3.89 15.86
C THR A 147 -2.90 -3.31 14.57
N ILE A 148 -2.33 -2.21 14.09
CA ILE A 148 -2.76 -1.57 12.86
C ILE A 148 -1.59 -1.68 11.85
N VAL A 149 -1.74 -2.53 10.86
CA VAL A 149 -0.71 -2.70 9.85
C VAL A 149 -0.80 -1.65 8.77
N THR A 150 0.29 -0.88 8.61
CA THR A 150 0.27 0.25 7.68
C THR A 150 0.96 -0.06 6.35
N ASN A 151 1.62 -1.21 6.24
CA ASN A 151 2.26 -1.52 4.95
C ASN A 151 2.19 -2.96 4.58
N ALA A 152 3.00 -3.81 5.21
CA ALA A 152 3.07 -5.25 4.92
C ALA A 152 1.80 -5.84 4.26
N GLY A 153 1.91 -6.16 2.97
CA GLY A 153 0.71 -6.48 2.17
C GLY A 153 0.45 -7.98 2.06
N LEU A 154 1.32 -8.75 2.72
CA LEU A 154 1.14 -10.22 2.88
C LEU A 154 -0.32 -10.70 2.85
N GLN A 155 -0.69 -11.41 1.80
CA GLN A 155 -2.10 -11.68 1.58
C GLN A 155 -2.73 -12.47 2.71
N ALA A 156 -2.05 -13.52 3.14
CA ALA A 156 -2.55 -14.36 4.22
C ALA A 156 -2.95 -13.59 5.48
N LEU A 157 -2.33 -12.45 5.77
CA LEU A 157 -2.58 -11.85 7.06
C LEU A 157 -4.06 -11.54 7.27
N THR A 158 -4.78 -11.22 6.20
CA THR A 158 -6.23 -10.97 6.30
C THR A 158 -7.09 -12.00 5.55
N ARG A 159 -6.53 -12.63 4.53
CA ARG A 159 -7.29 -13.53 3.68
C ARG A 159 -7.34 -14.98 4.14
N ASP A 160 -6.33 -15.42 4.87
CA ASP A 160 -6.29 -16.75 5.41
C ASP A 160 -6.96 -16.72 6.77
N PRO A 161 -8.08 -17.45 6.92
CA PRO A 161 -8.77 -17.46 8.21
C PRO A 161 -7.88 -17.92 9.38
N ALA A 162 -6.81 -18.67 9.13
CA ALA A 162 -5.94 -19.11 10.26
C ALA A 162 -4.91 -18.07 10.72
N MSE A 163 -4.57 -17.10 9.86
CA MSE A 163 -3.58 -16.08 10.19
CA MSE A 163 -3.57 -16.07 10.16
C MSE A 163 -4.23 -14.87 10.74
O MSE A 163 -3.60 -14.10 11.46
CB MSE A 163 -2.84 -15.60 8.96
CB MSE A 163 -2.93 -15.48 8.90
CG MSE A 163 -1.85 -16.64 8.49
CG MSE A 163 -1.71 -16.19 8.34
SE MSE A 163 -0.30 -16.51 9.68
SE MSE A 163 -0.33 -14.84 7.93
CE MSE A 163 0.71 -15.24 8.55
CE MSE A 163 0.64 -14.95 9.64
N ARG A 164 -5.51 -14.65 10.39
CA ARG A 164 -6.20 -13.48 10.82
C ARG A 164 -6.52 -13.59 12.27
N SER A 165 -6.96 -12.46 12.81
CA SER A 165 -7.31 -12.40 14.23
C SER A 165 -8.05 -11.11 14.48
N PRO A 166 -8.94 -11.08 15.48
CA PRO A 166 -9.62 -9.80 15.83
C PRO A 166 -8.66 -8.72 16.34
N TYR A 167 -7.47 -9.09 16.77
CA TYR A 167 -6.48 -8.10 17.15
C TYR A 167 -5.76 -7.44 15.96
N LEU A 168 -5.84 -8.02 14.74
CA LEU A 168 -5.12 -7.51 13.57
C LEU A 168 -6.02 -6.78 12.57
N PHE A 169 -5.64 -5.55 12.27
CA PHE A 169 -6.29 -4.73 11.28
C PHE A 169 -5.28 -4.33 10.27
N ARG A 170 -5.69 -4.15 9.03
CA ARG A 170 -4.80 -3.66 8.01
C ARG A 170 -5.39 -2.51 7.27
N VAL A 171 -4.64 -1.40 7.16
CA VAL A 171 -5.21 -0.18 6.54
C VAL A 171 -4.55 0.11 5.19
N SER A 172 -3.57 -0.68 4.81
CA SER A 172 -2.91 -0.46 3.50
C SER A 172 -3.58 -1.27 2.35
N PHE A 173 -3.27 -2.55 2.28
CA PHE A 173 -3.81 -3.35 1.20
C PHE A 173 -3.38 -4.76 1.48
N ALA A 174 -4.12 -5.74 0.95
CA ALA A 174 -3.45 -7.03 0.71
C ALA A 174 -2.78 -6.90 -0.66
N ASN A 175 -1.58 -7.44 -0.85
CA ASN A 175 -0.92 -7.34 -2.16
C ASN A 175 -1.84 -7.65 -3.31
N GLY A 176 -1.78 -6.81 -4.31
CA GLY A 176 -2.63 -6.90 -5.46
C GLY A 176 -3.94 -6.10 -5.43
N GLN A 177 -4.31 -5.60 -4.26
CA GLN A 177 -5.68 -5.06 -4.09
C GLN A 177 -5.90 -3.75 -4.88
N TYR A 178 -4.88 -2.92 -5.07
CA TYR A 178 -5.07 -1.71 -5.82
C TYR A 178 -4.76 -1.88 -7.32
N ASP A 179 -4.09 -2.97 -7.67
CA ASP A 179 -3.89 -3.33 -9.06
C ASP A 179 -5.02 -4.18 -9.70
N ALA A 180 -5.73 -4.97 -8.92
CA ALA A 180 -6.71 -5.86 -9.48
C ALA A 180 -7.79 -5.11 -10.27
N PRO A 181 -8.25 -3.94 -9.82
CA PRO A 181 -9.29 -3.23 -10.64
C PRO A 181 -8.81 -2.79 -12.01
N ALA A 182 -7.48 -2.70 -12.16
CA ALA A 182 -6.92 -2.37 -13.46
C ALA A 182 -7.12 -3.48 -14.44
N ALA A 183 -7.36 -4.67 -13.95
CA ALA A 183 -7.62 -5.82 -14.81
C ALA A 183 -9.04 -5.75 -15.32
N ASP A 184 -9.97 -5.34 -14.45
CA ASP A 184 -11.33 -5.02 -14.93
C ASP A 184 -11.31 -3.92 -15.96
N TYR A 185 -10.57 -2.86 -15.68
CA TYR A 185 -10.47 -1.77 -16.62
C TYR A 185 -9.90 -2.24 -17.95
N ALA A 186 -8.89 -3.09 -17.91
CA ALA A 186 -8.25 -3.62 -19.14
C ALA A 186 -9.24 -4.39 -20.00
N TYR A 187 -10.05 -5.24 -19.35
CA TYR A 187 -11.05 -6.05 -20.03
C TYR A 187 -12.24 -5.19 -20.47
N GLU A 188 -12.87 -4.54 -19.51
CA GLU A 188 -14.16 -3.85 -19.74
C GLU A 188 -14.03 -2.60 -20.61
N THR A 189 -13.08 -1.73 -20.30
CA THR A 189 -12.91 -0.46 -21.02
C THR A 189 -11.86 -0.59 -22.14
N LEU A 190 -10.68 -1.11 -21.85
CA LEU A 190 -9.66 -1.13 -22.92
C LEU A 190 -9.81 -2.24 -23.98
N GLY A 191 -10.64 -3.24 -23.73
CA GLY A 191 -10.87 -4.25 -24.74
C GLY A 191 -9.86 -5.37 -24.80
N TYR A 192 -8.97 -5.45 -23.82
CA TYR A 192 -7.92 -6.48 -23.84
C TYR A 192 -8.49 -7.82 -23.47
N ARG A 193 -8.01 -8.86 -24.14
CA ARG A 193 -8.55 -10.19 -23.93
C ARG A 193 -7.50 -11.17 -23.48
N ARG A 194 -6.25 -10.93 -23.85
CA ARG A 194 -5.17 -11.86 -23.61
C ARG A 194 -4.03 -11.04 -23.04
N MSE A 195 -3.49 -11.38 -21.89
CA MSE A 195 -2.40 -10.56 -21.32
C MSE A 195 -1.24 -11.38 -20.87
O MSE A 195 -1.40 -12.57 -20.60
CB MSE A 195 -2.90 -9.69 -20.18
CG MSE A 195 -3.81 -8.58 -20.71
SE MSE A 195 -4.30 -7.22 -19.40
CE MSE A 195 -2.47 -6.73 -18.77
N VAL A 196 -0.06 -10.73 -20.85
CA VAL A 196 1.17 -11.22 -20.25
C VAL A 196 1.40 -10.53 -18.92
N LEU A 197 1.91 -11.29 -17.95
CA LEU A 197 2.20 -10.76 -16.64
C LEU A 197 3.69 -10.78 -16.37
N HIS A 198 4.18 -9.78 -15.68
CA HIS A 198 5.54 -9.70 -15.33
C HIS A 198 5.73 -9.14 -13.96
N ALA A 199 6.62 -9.73 -13.16
CA ALA A 199 6.96 -9.18 -11.85
C ALA A 199 8.34 -9.47 -11.40
N ALA A 200 8.81 -8.65 -10.46
CA ALA A 200 10.01 -8.98 -9.72
C ALA A 200 9.73 -10.28 -8.99
N ASP A 201 10.75 -11.09 -8.84
CA ASP A 201 10.60 -12.45 -8.32
C ASP A 201 10.72 -12.44 -6.81
N TYR A 202 9.63 -12.07 -6.16
CA TYR A 202 9.51 -12.27 -4.73
C TYR A 202 8.01 -12.42 -4.37
N ALA A 203 7.76 -12.65 -3.08
CA ALA A 203 6.43 -13.02 -2.62
C ALA A 203 5.40 -12.00 -3.11
N ALA A 204 5.62 -10.72 -2.88
CA ALA A 204 4.64 -9.69 -3.25
C ALA A 204 4.36 -9.69 -4.75
N GLY A 205 5.41 -10.01 -5.52
CA GLY A 205 5.34 -10.17 -6.97
C GLY A 205 4.44 -11.31 -7.42
N HIS A 206 4.65 -12.50 -6.86
CA HIS A 206 3.73 -13.56 -7.10
C HIS A 206 2.28 -13.22 -6.73
N GLU A 207 2.08 -12.60 -5.56
CA GLU A 207 0.73 -12.32 -5.07
C GLU A 207 0.05 -11.27 -5.92
N GLU A 208 0.80 -10.27 -6.40
CA GLU A 208 0.27 -9.27 -7.36
C GLU A 208 -0.11 -9.88 -8.72
N MSE A 209 0.70 -10.81 -9.22
CA MSE A 209 0.37 -11.51 -10.47
C MSE A 209 -0.92 -12.28 -10.29
O MSE A 209 -1.83 -12.24 -11.14
CB MSE A 209 1.50 -12.41 -10.97
CG MSE A 209 2.56 -11.52 -11.60
SE MSE A 209 3.95 -12.51 -12.60
CE MSE A 209 4.41 -13.85 -11.27
N ALA A 210 -1.02 -12.99 -9.17
CA ALA A 210 -2.18 -13.83 -8.89
C ALA A 210 -3.45 -13.03 -8.74
N ALA A 211 -3.34 -11.82 -8.20
CA ALA A 211 -4.52 -11.02 -7.95
C ALA A 211 -4.98 -10.44 -9.28
N PHE A 212 -4.02 -10.07 -10.12
CA PHE A 212 -4.34 -9.54 -11.42
C PHE A 212 -4.99 -10.60 -12.30
N ARG A 213 -4.36 -11.77 -12.37
CA ARG A 213 -4.88 -12.92 -13.10
C ARG A 213 -6.32 -13.25 -12.71
N SER A 214 -6.54 -13.33 -11.42
CA SER A 214 -7.82 -13.70 -10.88
C SER A 214 -8.93 -12.79 -11.37
N ARG A 215 -8.76 -11.47 -11.26
CA ARG A 215 -9.77 -10.56 -11.80
C ARG A 215 -9.86 -10.58 -13.29
N PHE A 216 -8.72 -10.76 -13.98
CA PHE A 216 -8.74 -10.66 -15.43
C PHE A 216 -9.43 -11.87 -15.89
N GLU A 217 -9.20 -12.99 -15.20
CA GLU A 217 -9.81 -14.28 -15.59
C GLU A 217 -11.30 -14.29 -15.30
N GLN A 218 -11.70 -13.77 -14.16
CA GLN A 218 -13.12 -13.62 -13.84
C GLN A 218 -13.88 -12.77 -14.83
N ALA A 219 -13.27 -11.73 -15.42
CA ALA A 219 -14.02 -10.95 -16.43
C ALA A 219 -14.11 -11.64 -17.76
N GLY A 220 -13.42 -12.77 -17.92
CA GLY A 220 -13.39 -13.49 -19.20
C GLY A 220 -12.09 -13.37 -19.98
N GLY A 221 -11.04 -12.75 -19.41
CA GLY A 221 -9.77 -12.64 -20.15
C GLY A 221 -8.90 -13.87 -19.98
N GLU A 222 -7.79 -13.93 -20.67
CA GLU A 222 -6.86 -15.05 -20.41
C GLU A 222 -5.39 -14.55 -20.31
N ILE A 223 -4.63 -15.23 -19.46
CA ILE A 223 -3.23 -14.97 -19.23
C ILE A 223 -2.44 -16.00 -20.02
N VAL A 224 -1.62 -15.52 -20.93
CA VAL A 224 -0.84 -16.37 -21.79
C VAL A 224 0.56 -16.75 -21.23
N ASP A 225 1.20 -15.91 -20.41
CA ASP A 225 2.52 -16.26 -19.80
C ASP A 225 2.80 -15.37 -18.61
N GLU A 226 3.66 -15.83 -17.71
CA GLU A 226 4.20 -15.06 -16.59
C GLU A 226 5.70 -15.03 -16.76
N VAL A 227 6.28 -13.82 -16.70
CA VAL A 227 7.70 -13.64 -16.76
C VAL A 227 8.18 -12.93 -15.49
N VAL A 228 9.10 -13.58 -14.85
CA VAL A 228 9.64 -13.10 -13.62
C VAL A 228 11.12 -12.73 -13.78
N ALA A 229 11.55 -11.70 -13.05
CA ALA A 229 12.92 -11.21 -13.12
C ALA A 229 13.47 -11.08 -11.71
N PRO A 230 14.74 -11.50 -11.45
CA PRO A 230 15.20 -11.41 -10.04
C PRO A 230 15.15 -10.00 -9.49
N ILE A 231 15.02 -9.88 -8.18
CA ILE A 231 15.22 -8.62 -7.53
C ILE A 231 16.60 -8.09 -7.89
N GLY A 232 16.69 -6.77 -8.15
CA GLY A 232 17.94 -6.07 -8.45
C GLY A 232 18.47 -6.27 -9.86
N THR A 233 17.61 -6.68 -10.79
CA THR A 233 17.96 -6.79 -12.20
C THR A 233 18.36 -5.42 -12.80
N GLN A 234 19.45 -5.41 -13.56
CA GLN A 234 20.03 -4.23 -14.13
C GLN A 234 19.65 -4.14 -15.62
N ASP A 235 19.86 -5.24 -16.34
CA ASP A 235 19.54 -5.34 -17.78
C ASP A 235 18.20 -6.04 -17.88
N PHE A 236 17.16 -5.31 -18.24
CA PHE A 236 15.81 -5.93 -18.41
C PHE A 236 15.64 -6.48 -19.85
N GLY A 237 16.53 -6.08 -20.75
CA GLY A 237 16.66 -6.69 -22.13
C GLY A 237 16.11 -8.10 -22.29
N PRO A 238 16.66 -9.06 -21.54
CA PRO A 238 16.24 -10.44 -21.79
C PRO A 238 14.79 -10.66 -21.43
N TYR A 239 14.36 -10.08 -20.32
CA TYR A 239 12.97 -10.25 -19.85
C TYR A 239 12.00 -9.54 -20.77
N LEU A 240 12.43 -8.39 -21.31
CA LEU A 240 11.69 -7.64 -22.31
C LEU A 240 11.52 -8.43 -23.57
N GLN A 241 12.60 -9.06 -24.02
CA GLN A 241 12.50 -9.93 -25.17
C GLN A 241 11.48 -11.05 -24.89
N ARG A 242 11.52 -11.69 -23.73
CA ARG A 242 10.56 -12.76 -23.45
C ARG A 242 9.14 -12.22 -23.42
N ILE A 243 8.97 -11.03 -22.85
CA ILE A 243 7.66 -10.42 -22.85
C ILE A 243 7.23 -10.19 -24.27
N GLU A 244 8.10 -9.64 -25.11
CA GLU A 244 7.74 -9.37 -26.49
C GLU A 244 7.16 -10.60 -27.14
N GLN A 245 7.81 -11.72 -26.90
CA GLN A 245 7.46 -12.95 -27.61
C GLN A 245 6.15 -13.50 -27.15
N ALA A 246 5.95 -13.54 -25.84
CA ALA A 246 4.67 -13.94 -25.31
C ALA A 246 3.56 -13.04 -25.86
N ALA A 247 3.87 -11.75 -25.99
CA ALA A 247 2.88 -10.80 -26.46
C ALA A 247 2.58 -10.88 -27.93
N ALA A 248 3.21 -11.77 -28.67
CA ALA A 248 2.76 -12.05 -30.03
C ALA A 248 1.32 -12.56 -29.99
N GLU A 249 0.99 -13.34 -28.97
CA GLU A 249 -0.37 -13.82 -28.79
C GLU A 249 -1.11 -13.09 -27.66
N ALA A 250 -0.90 -11.78 -27.52
CA ALA A 250 -1.46 -11.05 -26.39
C ALA A 250 -1.78 -9.62 -26.78
N ASP A 251 -2.64 -8.98 -26.00
CA ASP A 251 -2.98 -7.60 -26.25
C ASP A 251 -2.22 -6.58 -25.37
N ALA A 252 -1.66 -7.01 -24.23
CA ALA A 252 -1.10 -6.06 -23.21
C ALA A 252 -0.29 -6.77 -22.17
N VAL A 253 0.43 -6.01 -21.37
CA VAL A 253 1.27 -6.55 -20.31
C VAL A 253 0.93 -5.86 -19.01
N PHE A 254 0.88 -6.58 -17.91
CA PHE A 254 0.84 -5.98 -16.58
C PHE A 254 2.19 -6.25 -15.91
N ALA A 255 2.80 -5.24 -15.30
CA ALA A 255 4.10 -5.38 -14.59
C ALA A 255 4.13 -4.74 -13.20
N PHE A 256 4.72 -5.49 -12.26
CA PHE A 256 4.94 -5.03 -10.88
C PHE A 256 6.37 -5.27 -10.40
N HIS A 257 6.96 -4.23 -9.80
CA HIS A 257 8.27 -4.33 -9.15
C HIS A 257 8.28 -3.70 -7.80
N GLY A 258 7.18 -3.09 -7.39
CA GLY A 258 7.21 -2.26 -6.17
C GLY A 258 7.80 -0.92 -6.52
N THR A 259 7.78 -0.03 -5.56
CA THR A 259 8.37 1.26 -5.67
C THR A 259 9.84 1.13 -5.39
N SER A 260 10.62 1.02 -6.47
CA SER A 260 11.99 0.59 -6.39
C SER A 260 12.76 1.04 -7.60
N THR A 261 14.06 0.82 -7.53
CA THR A 261 14.90 1.17 -8.62
C THR A 261 14.67 0.13 -9.72
N ASP A 262 14.32 -1.11 -9.38
CA ASP A 262 13.84 -2.07 -10.38
C ASP A 262 12.72 -1.44 -11.28
N ALA A 263 11.81 -0.75 -10.66
CA ALA A 263 10.66 -0.22 -11.39
C ALA A 263 11.06 0.88 -12.34
N ILE A 264 12.00 1.70 -11.91
CA ILE A 264 12.55 2.77 -12.73
C ILE A 264 13.30 2.19 -13.93
N ARG A 265 14.21 1.23 -13.66
CA ARG A 265 14.98 0.60 -14.77
C ARG A 265 14.04 -0.18 -15.75
N PHE A 266 13.03 -0.85 -15.23
CA PHE A 266 12.11 -1.53 -16.11
C PHE A 266 11.34 -0.56 -17.02
N LEU A 267 10.68 0.45 -16.44
CA LEU A 267 9.86 1.35 -17.27
C LEU A 267 10.69 2.07 -18.27
N VAL A 268 11.86 2.53 -17.86
CA VAL A 268 12.68 3.31 -18.75
C VAL A 268 13.13 2.40 -19.91
N GLN A 269 13.47 1.16 -19.61
CA GLN A 269 14.00 0.27 -20.67
C GLN A 269 12.88 -0.26 -21.54
N TYR A 270 11.71 -0.37 -20.94
CA TYR A 270 10.52 -0.71 -21.71
C TYR A 270 10.30 0.30 -22.82
N GLN A 271 10.56 1.56 -22.55
CA GLN A 271 10.36 2.57 -23.57
C GLN A 271 11.53 2.64 -24.51
N GLU A 272 12.73 2.66 -23.96
CA GLU A 272 13.94 2.75 -24.77
C GLU A 272 14.12 1.58 -25.74
N PHE A 273 13.68 0.41 -25.34
CA PHE A 273 13.81 -0.82 -26.15
C PHE A 273 12.72 -0.86 -27.21
N GLY A 274 11.67 -0.06 -27.09
CA GLY A 274 10.76 0.08 -28.21
C GLY A 274 9.39 -0.54 -27.94
N LEU A 275 9.27 -1.22 -26.82
CA LEU A 275 8.01 -1.89 -26.48
C LEU A 275 6.92 -0.92 -26.14
N LYS A 276 7.24 0.21 -25.58
CA LYS A 276 6.17 1.15 -25.28
C LYS A 276 5.42 1.56 -26.55
N ASP A 277 6.15 1.72 -27.65
CA ASP A 277 5.55 2.10 -28.92
C ASP A 277 4.61 1.03 -29.46
N SER A 278 4.74 -0.22 -29.02
CA SER A 278 4.03 -1.33 -29.68
C SER A 278 3.16 -2.22 -28.80
N ILE A 279 3.46 -2.33 -27.51
CA ILE A 279 2.73 -3.21 -26.62
C ILE A 279 2.20 -2.45 -25.38
N PRO A 280 0.87 -2.32 -25.29
CA PRO A 280 0.33 -1.59 -24.13
C PRO A 280 0.76 -2.19 -22.82
N LEU A 281 1.04 -1.33 -21.88
CA LEU A 281 1.56 -1.76 -20.59
C LEU A 281 0.72 -1.13 -19.50
N ILE A 282 0.34 -1.94 -18.49
CA ILE A 282 -0.32 -1.46 -17.31
C ILE A 282 0.67 -1.70 -16.21
N PRO A 283 1.27 -0.62 -15.71
CA PRO A 283 2.12 -0.74 -14.58
C PRO A 283 1.32 -0.88 -13.35
N SER A 284 1.94 -1.48 -12.35
CA SER A 284 1.40 -1.42 -11.01
C SER A 284 1.46 0.03 -10.55
N GLY A 285 0.46 0.41 -9.76
CA GLY A 285 0.49 1.70 -9.09
C GLY A 285 1.72 1.94 -8.28
N ALA A 286 2.30 0.88 -7.73
CA ALA A 286 3.58 1.05 -7.02
C ALA A 286 4.73 1.52 -7.91
N ASP A 287 4.66 1.15 -9.18
CA ASP A 287 5.78 1.35 -10.09
C ASP A 287 5.75 2.79 -10.61
N VAL A 288 4.62 3.49 -10.48
CA VAL A 288 4.57 4.88 -10.91
C VAL A 288 4.27 5.82 -9.72
N ASP A 289 4.63 5.37 -8.52
CA ASP A 289 4.45 6.16 -7.31
C ASP A 289 5.16 7.50 -7.44
N GLN A 290 4.55 8.50 -6.80
CA GLN A 290 5.00 9.87 -6.74
C GLN A 290 6.46 10.02 -6.44
N SER A 291 6.97 9.25 -5.50
CA SER A 291 8.39 9.35 -5.16
C SER A 291 9.31 9.05 -6.32
N ILE A 292 8.88 8.27 -7.31
CA ILE A 292 9.83 7.92 -8.37
C ILE A 292 9.36 8.38 -9.73
N LEU A 293 8.22 9.05 -9.76
CA LEU A 293 7.61 9.53 -10.98
C LEU A 293 8.51 10.49 -11.73
N PRO A 294 9.20 11.39 -11.02
CA PRO A 294 10.17 12.23 -11.77
C PRO A 294 11.31 11.52 -12.57
N GLU A 295 11.71 10.33 -12.16
CA GLU A 295 12.85 9.64 -12.76
C GLU A 295 12.37 8.66 -13.85
N ILE A 296 11.12 8.27 -13.80
CA ILE A 296 10.54 7.59 -14.91
C ILE A 296 10.29 8.66 -15.96
N GLY A 297 9.39 9.54 -15.54
CA GLY A 297 8.82 10.62 -16.31
C GLY A 297 8.19 10.20 -17.60
N ASP A 298 8.98 10.44 -18.61
CA ASP A 298 8.55 10.31 -19.94
C ASP A 298 8.20 8.84 -20.24
N ALA A 299 8.83 7.89 -19.56
CA ALA A 299 8.63 6.48 -19.88
C ALA A 299 7.26 6.00 -19.48
N ALA A 300 6.66 6.62 -18.50
CA ALA A 300 5.34 6.19 -18.09
C ALA A 300 4.22 7.07 -18.64
N LEU A 301 4.51 8.03 -19.50
CA LEU A 301 3.45 8.93 -19.98
C LEU A 301 2.33 8.21 -20.69
N GLY A 302 1.07 8.42 -20.27
CA GLY A 302 -0.07 7.76 -20.90
C GLY A 302 -0.46 6.37 -20.38
N LEU A 303 0.37 5.79 -19.53
CA LEU A 303 0.16 4.51 -18.91
C LEU A 303 -0.93 4.61 -17.85
N VAL A 304 -1.79 3.63 -17.85
CA VAL A 304 -2.86 3.53 -16.86
C VAL A 304 -2.47 2.53 -15.78
N SER A 305 -2.80 2.86 -14.54
CA SER A 305 -2.59 1.99 -13.40
C SER A 305 -3.67 2.14 -12.32
N GLY A 306 -3.88 1.07 -11.56
CA GLY A 306 -4.63 1.14 -10.33
C GLY A 306 -3.74 1.61 -9.22
N THR A 307 -4.27 2.42 -8.34
CA THR A 307 -3.54 2.85 -7.16
C THR A 307 -4.43 3.18 -5.97
N LEU A 308 -3.77 3.23 -4.82
CA LEU A 308 -4.41 3.52 -3.56
C LEU A 308 -4.67 5.05 -3.44
N TYR A 309 -3.80 5.86 -4.02
CA TYR A 309 -3.82 7.30 -3.76
C TYR A 309 -2.94 8.02 -4.73
N THR A 310 -3.37 9.22 -5.13
CA THR A 310 -2.52 10.18 -5.81
C THR A 310 -2.90 11.53 -5.24
N ALA A 311 -1.88 12.39 -5.04
CA ALA A 311 -2.00 13.76 -4.64
C ALA A 311 -2.84 14.65 -5.59
N TYR A 312 -3.08 14.18 -6.81
CA TYR A 312 -3.94 14.93 -7.76
C TYR A 312 -5.41 14.54 -7.70
N ASN A 313 -5.82 13.85 -6.64
CA ASN A 313 -7.20 13.44 -6.57
C ASN A 313 -8.03 14.71 -6.37
N ASP A 314 -9.17 14.81 -7.04
CA ASP A 314 -9.84 16.10 -7.12
C ASP A 314 -10.96 16.16 -6.11
N THR A 315 -10.65 15.84 -4.86
CA THR A 315 -11.66 15.87 -3.80
C THR A 315 -11.18 16.75 -2.73
N PRO A 316 -12.13 17.35 -1.97
CA PRO A 316 -11.74 18.25 -0.92
C PRO A 316 -10.85 17.62 0.17
N GLU A 317 -11.11 16.37 0.56
CA GLU A 317 -10.32 15.72 1.63
C GLU A 317 -8.92 15.40 1.12
N SER A 318 -8.81 15.17 -0.17
CA SER A 318 -7.49 14.98 -0.73
C SER A 318 -6.72 16.30 -0.74
N GLN A 319 -7.42 17.37 -1.13
CA GLN A 319 -6.75 18.68 -1.15
C GLN A 319 -6.27 19.11 0.25
N GLU A 320 -7.11 18.91 1.27
CA GLU A 320 -6.77 19.17 2.64
C GLU A 320 -5.51 18.35 3.11
N PHE A 321 -5.44 17.08 2.81
CA PHE A 321 -4.24 16.25 3.13
C PHE A 321 -3.01 16.70 2.38
N VAL A 322 -3.13 17.06 1.11
CA VAL A 322 -1.97 17.59 0.35
C VAL A 322 -1.49 18.92 0.95
N GLU A 323 -2.43 19.79 1.30
CA GLU A 323 -2.03 21.08 1.88
C GLU A 323 -1.31 20.94 3.20
N ALA A 324 -1.86 20.11 4.08
CA ALA A 324 -1.25 19.92 5.39
C ALA A 324 0.08 19.15 5.25
N PHE A 325 0.16 18.31 4.22
CA PHE A 325 1.39 17.55 4.04
C PHE A 325 2.48 18.46 3.51
N THR A 326 2.19 19.14 2.41
CA THR A 326 3.17 20.06 1.82
C THR A 326 3.56 21.20 2.76
N ALA A 327 2.67 21.71 3.60
CA ALA A 327 3.06 22.76 4.57
C ALA A 327 4.14 22.23 5.53
N ARG A 328 4.09 20.95 5.85
CA ARG A 328 5.01 20.33 6.78
C ARG A 328 6.27 19.82 6.12
N HIS A 329 6.28 19.71 4.80
CA HIS A 329 7.40 18.98 4.15
C HIS A 329 7.91 19.74 2.98
N GLU A 330 7.82 21.06 3.09
CA GLU A 330 8.51 21.97 2.21
C GLU A 330 8.12 21.74 0.77
N GLY A 331 6.80 21.67 0.52
CA GLY A 331 6.22 21.53 -0.84
C GLY A 331 6.21 20.12 -1.45
N ILE A 332 6.81 19.15 -0.76
CA ILE A 332 6.87 17.79 -1.28
C ILE A 332 5.47 17.13 -1.19
N LEU A 333 5.11 16.44 -2.25
CA LEU A 333 3.76 15.86 -2.36
C LEU A 333 3.78 14.49 -1.66
N PRO A 334 2.70 14.13 -0.97
CA PRO A 334 2.60 12.80 -0.40
C PRO A 334 2.34 11.74 -1.44
N GLY A 335 2.91 10.57 -1.22
CA GLY A 335 2.64 9.42 -2.01
C GLY A 335 1.93 8.33 -1.26
N LEU A 336 2.20 7.09 -1.70
CA LEU A 336 1.42 5.94 -1.30
C LEU A 336 1.62 5.58 0.16
N VAL A 337 2.89 5.48 0.52
CA VAL A 337 3.27 5.18 1.87
C VAL A 337 2.89 6.28 2.89
N ASP A 338 2.94 7.54 2.47
CA ASP A 338 2.46 8.64 3.30
C ASP A 338 0.98 8.49 3.46
N TYR A 339 0.27 8.14 2.39
CA TYR A 339 -1.17 8.01 2.44
C TYR A 339 -1.57 6.92 3.44
N ALA A 340 -0.91 5.78 3.31
CA ALA A 340 -1.26 4.62 4.12
C ALA A 340 -0.99 4.84 5.62
N GLY A 341 0.11 5.53 5.96
CA GLY A 341 0.36 6.00 7.32
C GLY A 341 -0.69 6.96 7.86
N TYR A 342 -1.11 7.89 7.02
CA TYR A 342 -2.15 8.80 7.38
C TYR A 342 -3.48 8.11 7.77
N ILE A 343 -3.89 7.14 6.98
CA ILE A 343 -5.08 6.34 7.30
C ILE A 343 -4.88 5.59 8.61
N GLY A 344 -3.69 5.06 8.82
CA GLY A 344 -3.40 4.47 10.15
C GLY A 344 -3.76 5.44 11.30
N GLY A 345 -3.27 6.65 11.19
CA GLY A 345 -3.38 7.60 12.27
C GLY A 345 -4.80 8.08 12.47
N ARG A 346 -5.55 8.17 11.37
CA ARG A 346 -6.94 8.62 11.40
C ARG A 346 -7.81 7.54 12.03
N VAL A 347 -7.57 6.30 11.64
CA VAL A 347 -8.24 5.18 12.27
C VAL A 347 -8.03 5.25 13.79
N ILE A 348 -6.79 5.49 14.23
CA ILE A 348 -6.47 5.41 15.63
C ILE A 348 -7.18 6.54 16.28
N ALA A 349 -7.11 7.71 15.65
CA ALA A 349 -7.75 8.92 16.17
C ALA A 349 -9.26 8.79 16.27
N GLU A 350 -9.89 8.16 15.29
CA GLU A 350 -11.33 7.99 15.32
C GLU A 350 -11.70 6.98 16.38
N ALA A 351 -10.90 5.91 16.51
CA ALA A 351 -11.26 4.90 17.50
C ALA A 351 -11.09 5.47 18.91
N LEU A 352 -9.98 6.17 19.13
CA LEU A 352 -9.72 6.72 20.44
C LEU A 352 -10.72 7.79 20.85
N THR A 353 -11.18 8.57 19.88
CA THR A 353 -12.19 9.57 20.14
C THR A 353 -13.46 8.89 20.59
N ALA A 354 -13.89 7.85 19.86
CA ALA A 354 -15.16 7.18 20.14
C ALA A 354 -15.21 6.54 21.52
N ILE A 355 -14.11 5.98 22.00
CA ILE A 355 -14.05 5.46 23.37
C ILE A 355 -13.46 6.44 24.39
N ASP A 356 -13.43 7.73 24.04
CA ASP A 356 -13.01 8.77 24.99
C ASP A 356 -11.63 8.43 25.65
N GLY A 357 -10.73 7.82 24.89
CA GLY A 357 -9.39 7.49 25.37
C GLY A 357 -9.27 6.33 26.31
N GLU A 358 -10.37 5.70 26.67
CA GLU A 358 -10.35 4.59 27.63
C GLU A 358 -9.74 3.38 26.91
N VAL A 359 -8.48 3.56 26.60
CA VAL A 359 -7.74 2.67 25.74
C VAL A 359 -7.41 1.32 26.40
N GLU A 360 -7.48 1.22 27.72
CA GLU A 360 -7.22 -0.02 28.42
C GLU A 360 -8.41 -0.95 28.34
N ASN A 361 -9.55 -0.42 27.91
CA ASN A 361 -10.72 -1.25 27.67
C ASN A 361 -10.62 -1.86 26.26
N LYS A 362 -9.93 -3.00 26.16
CA LYS A 362 -9.63 -3.62 24.88
C LYS A 362 -10.87 -3.97 24.10
N GLU A 363 -11.91 -4.43 24.79
CA GLU A 363 -13.15 -4.82 24.14
C GLU A 363 -13.70 -3.62 23.39
N ALA A 364 -13.84 -2.49 24.08
CA ALA A 364 -14.36 -1.27 23.49
C ALA A 364 -13.40 -0.73 22.41
N LEU A 365 -12.09 -0.85 22.60
CA LEU A 365 -11.16 -0.39 21.59
C LEU A 365 -11.34 -1.17 20.27
N LEU A 366 -11.41 -2.47 20.39
CA LEU A 366 -11.58 -3.32 19.22
C LEU A 366 -12.89 -3.11 18.51
N GLU A 367 -13.98 -2.97 19.28
CA GLU A 367 -15.27 -2.73 18.70
C GLU A 367 -15.22 -1.35 18.06
N ALA A 368 -14.53 -0.37 18.65
CA ALA A 368 -14.45 0.97 18.02
C ALA A 368 -13.62 0.93 16.68
N LEU A 369 -12.49 0.24 16.71
CA LEU A 369 -11.70 0.07 15.47
C LEU A 369 -12.51 -0.61 14.37
N LYS A 370 -13.24 -1.68 14.71
CA LYS A 370 -14.07 -2.33 13.70
C LYS A 370 -15.09 -1.39 13.02
N ALA A 371 -15.59 -0.43 13.79
CA ALA A 371 -16.63 0.51 13.32
C ALA A 371 -16.07 1.79 12.69
N VAL A 372 -14.77 1.95 12.60
CA VAL A 372 -14.25 3.20 12.09
C VAL A 372 -14.65 3.36 10.63
N GLU A 373 -15.12 4.56 10.30
CA GLU A 373 -15.45 4.95 8.96
C GLU A 373 -15.30 6.47 8.72
N PHE A 374 -14.69 6.87 7.61
CA PHE A 374 -14.57 8.29 7.33
C PHE A 374 -14.27 8.42 5.85
N THR A 375 -14.43 9.65 5.36
CA THR A 375 -14.01 10.07 4.04
C THR A 375 -12.57 10.49 4.16
N GLY A 376 -11.67 9.66 3.60
CA GLY A 376 -10.26 10.00 3.55
C GLY A 376 -9.81 10.60 2.21
N PRO A 377 -8.49 10.79 2.09
CA PRO A 377 -7.99 11.43 0.91
C PRO A 377 -8.20 10.66 -0.38
N ALA A 378 -8.45 9.34 -0.30
CA ALA A 378 -8.72 8.53 -1.51
C ALA A 378 -10.21 8.28 -1.68
N GLY A 379 -11.01 8.65 -0.68
CA GLY A 379 -12.43 8.29 -0.66
C GLY A 379 -12.74 7.64 0.66
N ASN A 380 -13.87 6.97 0.69
CA ASN A 380 -14.35 6.42 1.93
C ASN A 380 -13.54 5.17 2.30
N PHE A 381 -13.37 4.99 3.61
CA PHE A 381 -12.59 3.95 4.15
C PHE A 381 -13.38 3.37 5.29
N ARG A 382 -13.39 2.03 5.28
CA ARG A 382 -13.80 1.24 6.39
C ARG A 382 -13.08 -0.11 6.34
N PHE A 383 -13.34 -0.93 7.36
CA PHE A 383 -12.69 -2.24 7.52
C PHE A 383 -13.67 -3.30 7.11
N HIS A 384 -13.19 -4.35 6.45
CA HIS A 384 -14.06 -5.50 6.27
C HIS A 384 -14.38 -6.13 7.64
N PRO A 385 -15.66 -6.45 7.87
CA PRO A 385 -16.00 -6.98 9.20
C PRO A 385 -15.40 -8.36 9.48
N GLU A 386 -14.99 -9.10 8.47
CA GLU A 386 -14.41 -10.42 8.67
C GLU A 386 -12.90 -10.47 8.48
N SER A 387 -12.34 -9.84 7.45
CA SER A 387 -10.87 -9.86 7.26
C SER A 387 -10.15 -8.80 8.08
N GLN A 388 -10.87 -7.75 8.41
CA GLN A 388 -10.31 -6.53 9.03
C GLN A 388 -9.24 -5.90 8.18
N GLY A 389 -9.31 -6.14 6.89
CA GLY A 389 -8.48 -5.46 5.91
C GLY A 389 -9.36 -4.33 5.38
N PRO A 390 -8.85 -3.56 4.42
CA PRO A 390 -9.52 -2.36 3.95
C PRO A 390 -10.60 -2.59 2.96
N VAL A 391 -11.70 -1.86 3.11
CA VAL A 391 -12.76 -1.77 2.15
C VAL A 391 -12.71 -0.27 1.76
N THR A 392 -12.23 0.02 0.57
CA THR A 392 -11.81 1.36 0.23
C THR A 392 -11.95 1.68 -1.27
N THR A 393 -11.72 2.94 -1.62
CA THR A 393 -11.91 3.41 -2.98
C THR A 393 -10.55 3.24 -3.67
N ILE A 394 -10.49 2.49 -4.77
CA ILE A 394 -9.27 2.37 -5.54
C ILE A 394 -9.35 3.38 -6.71
N LEU A 395 -8.23 4.07 -7.01
CA LEU A 395 -8.16 5.09 -8.04
C LEU A 395 -7.50 4.51 -9.24
N LEU A 396 -8.17 4.58 -10.38
CA LEU A 396 -7.53 4.28 -11.64
C LEU A 396 -6.94 5.56 -12.23
N CYS A 397 -5.65 5.54 -12.50
CA CYS A 397 -4.95 6.71 -12.89
C CYS A 397 -4.15 6.58 -14.18
N ARG A 398 -3.77 7.72 -14.72
CA ARG A 398 -2.90 7.79 -15.85
C ARG A 398 -1.86 8.82 -15.56
N VAL A 399 -0.60 8.50 -15.93
CA VAL A 399 0.49 9.45 -15.82
C VAL A 399 0.40 10.48 -16.90
N GLU A 400 0.42 11.73 -16.48
CA GLU A 400 0.37 12.86 -17.39
C GLU A 400 1.46 13.82 -17.01
N GLN A 401 1.75 14.71 -17.95
CA GLN A 401 2.69 15.81 -17.74
C GLN A 401 1.92 17.13 -17.70
N LEU A 402 2.14 17.88 -16.62
CA LEU A 402 1.58 19.19 -16.42
C LEU A 402 2.34 20.29 -17.19
N ASP A 403 1.73 21.46 -17.27
CA ASP A 403 2.25 22.52 -18.12
C ASP A 403 3.61 23.06 -17.57
N ASP A 404 3.92 22.83 -16.29
CA ASP A 404 5.18 23.21 -15.70
C ASP A 404 6.28 22.14 -15.83
N GLY A 405 5.95 21.00 -16.45
CA GLY A 405 6.90 19.87 -16.59
C GLY A 405 6.72 18.72 -15.63
N THR A 406 5.97 18.95 -14.56
CA THR A 406 5.77 17.96 -13.53
C THR A 406 4.95 16.81 -14.07
N TYR A 407 5.31 15.60 -13.64
CA TYR A 407 4.62 14.35 -13.95
C TYR A 407 3.65 14.02 -12.87
N ALA A 408 2.43 13.62 -13.24
CA ALA A 408 1.34 13.54 -12.26
C ALA A 408 0.55 12.29 -12.53
N ASN A 409 0.13 11.57 -11.51
CA ASN A 409 -0.92 10.53 -11.70
C ASN A 409 -2.32 11.11 -11.61
N ILE A 410 -3.01 11.13 -12.74
CA ILE A 410 -4.31 11.76 -12.83
C ILE A 410 -5.42 10.70 -12.75
N VAL A 411 -6.44 10.98 -11.95
CA VAL A 411 -7.50 10.01 -11.75
C VAL A 411 -8.46 9.98 -12.92
N VAL A 412 -8.65 8.80 -13.52
CA VAL A 412 -9.62 8.67 -14.63
C VAL A 412 -10.92 7.99 -14.21
N ASP A 413 -10.86 7.21 -13.15
CA ASP A 413 -11.97 6.42 -12.70
C ASP A 413 -11.73 5.94 -11.27
N ARG A 414 -12.86 5.69 -10.60
CA ARG A 414 -12.86 5.29 -9.21
C ARG A 414 -13.61 4.00 -9.04
N ILE A 415 -13.11 3.10 -8.21
CA ILE A 415 -13.81 1.82 -7.86
C ILE A 415 -14.00 1.89 -6.34
N PRO A 416 -15.22 2.17 -5.89
CA PRO A 416 -15.52 2.27 -4.42
C PRO A 416 -15.65 0.89 -3.77
N ASP A 417 -15.44 0.85 -2.47
CA ASP A 417 -15.78 -0.32 -1.68
C ASP A 417 -15.13 -1.58 -2.23
N PHE A 418 -13.90 -1.44 -2.61
CA PHE A 418 -13.14 -2.57 -3.06
C PHE A 418 -12.42 -3.24 -1.87
N ASP A 419 -12.80 -4.47 -1.55
CA ASP A 419 -12.24 -5.15 -0.40
C ASP A 419 -11.08 -6.08 -0.75
N ASP A 420 -10.47 -6.66 0.28
CA ASP A 420 -9.29 -7.49 0.09
C ASP A 420 -9.62 -8.97 -0.15
N LEU A 421 -10.85 -9.27 -0.52
CA LEU A 421 -11.24 -10.64 -0.65
C LEU A 421 -11.73 -10.93 -2.04
N SER A 422 -11.71 -9.96 -2.95
CA SER A 422 -12.54 -10.07 -4.17
C SER A 422 -11.65 -10.44 -5.39
N PHE A 423 -10.63 -11.27 -5.12
CA PHE A 423 -9.58 -11.59 -6.08
C PHE A 423 -8.74 -12.73 -5.51
ZN ZN B . 9.82 16.02 4.72
ZN ZN C . -16.57 -8.30 -1.27
ZN ZN D . -18.62 2.98 0.21
ZN ZN E . -17.38 -8.11 -17.31
ZN ZN F . 21.07 -6.61 -22.73
ZN ZN G . 9.41 -16.78 -7.39
ZN ZN H . 14.51 1.76 21.02
ZN ZN I . -18.78 -13.42 5.22
ZN ZN J . 11.72 -7.31 -30.58
ZN ZN K . -11.26 16.63 6.49
ZN ZN L . 6.98 8.33 27.76
ZN ZN M . 1.78 -19.28 13.80
ZN ZN N . -16.69 4.03 -13.63
CL CL O . 10.36 14.97 6.42
CL CL P . 9.45 13.95 2.52
CL CL Q . -17.97 -8.28 0.71
CL CL R . -16.10 -10.78 -1.49
CL CL S . -17.91 4.74 -1.25
CL CL T . -17.75 3.28 2.65
CL CL U . -17.17 -10.07 -14.88
CL CL V . -17.54 -9.79 -19.44
#